data_3QWP
#
_entry.id   3QWP
#
_cell.length_a   61.303
_cell.length_b   66.206
_cell.length_c   107.387
_cell.angle_alpha   90.00
_cell.angle_beta   90.00
_cell.angle_gamma   90.00
#
_symmetry.space_group_name_H-M   'P 21 21 21'
#
loop_
_entity.id
_entity.type
_entity.pdbx_description
1 polymer 'SET and MYND domain-containing protein 3'
2 non-polymer 'ZINC ION'
3 non-polymer S-ADENOSYLMETHIONINE
4 non-polymer GLYCEROL
5 water water
#
_entity_poly.entity_id   1
_entity_poly.type   'polypeptide(L)'
_entity_poly.pdbx_seq_one_letter_code
;GMEPLKVEKFATANRGNGLRAVTPLRPGELLFRSDPLAYTVCKGSRGVVCDRCLLGKEKLMRCSQCRVAKYCSAKCQKKA
WPDHKRECKCLKSCKPRYPPDSVRLLGRVVFKLMDGAPSESEKLYSFYDLESNINKLTEDRKEGLRQLVMTFQHFMREEI
QDASQLPPAFDLFEAFAKVICNSFTICNAEMQEVGVGLYPSISLLNHSCDPNCSIVFNGPHLLLRAVRDIEVGEELTICY
LDMLMTSEERRKQLRDQYCFECDCFRCQTQDKDADMLTGDEQVWKEVQESLKKIEELKAHWKWEQVLAMCQAIISSNSER
LPDINIYQLKVLDCAMDACINLGLLEEALFYGTRTMEPYRIFFPGSHPVRGVQVMKVGKLQLHQGMFPQAMKNLRLAFDI
MRVTHGREHSLIEDLILLLEECDANIRAS
;
_entity_poly.pdbx_strand_id   A
#
loop_
_chem_comp.id
_chem_comp.type
_chem_comp.name
_chem_comp.formula
GOL non-polymer GLYCEROL 'C3 H8 O3'
SAM non-polymer S-ADENOSYLMETHIONINE 'C15 H22 N6 O5 S'
ZN non-polymer 'ZINC ION' 'Zn 2'
#
# COMPACT_ATOMS: atom_id res chain seq x y z
N PRO A 4 20.71 -19.19 0.97
CA PRO A 4 21.45 -18.04 0.46
C PRO A 4 20.52 -17.07 -0.27
N LEU A 5 20.94 -15.81 -0.38
CA LEU A 5 20.12 -14.80 -1.05
C LEU A 5 20.17 -14.93 -2.58
N LYS A 6 19.03 -14.62 -3.19
CA LYS A 6 18.84 -14.61 -4.63
C LYS A 6 19.02 -13.19 -5.16
N VAL A 7 19.24 -12.25 -4.25
CA VAL A 7 19.38 -10.84 -4.59
C VAL A 7 20.63 -10.25 -3.92
N GLU A 8 21.11 -9.13 -4.45
CA GLU A 8 22.26 -8.46 -3.85
C GLU A 8 22.15 -6.99 -4.12
N LYS A 9 22.62 -6.20 -3.16
CA LYS A 9 22.84 -4.78 -3.35
C LYS A 9 23.94 -4.52 -4.40
N PHE A 10 23.76 -3.49 -5.20
CA PHE A 10 24.81 -3.00 -6.10
C PHE A 10 24.69 -1.50 -6.36
N ALA A 11 25.77 -0.91 -6.85
CA ALA A 11 25.74 0.51 -7.23
C ALA A 11 25.31 0.66 -8.67
N THR A 12 24.19 1.33 -8.92
CA THR A 12 23.73 1.52 -10.28
C THR A 12 24.52 2.64 -10.93
N ALA A 13 24.37 2.74 -12.25
CA ALA A 13 25.01 3.82 -13.00
C ALA A 13 24.42 5.18 -12.70
N ASN A 14 23.10 5.27 -12.55
CA ASN A 14 22.52 6.60 -12.43
C ASN A 14 21.34 6.73 -11.49
N ARG A 15 21.10 5.70 -10.72
CA ARG A 15 20.00 5.78 -9.78
C ARG A 15 20.35 5.28 -8.38
N GLY A 16 21.56 5.56 -7.99
CA GLY A 16 21.99 5.25 -6.65
C GLY A 16 22.25 3.77 -6.43
N ASN A 17 21.96 3.29 -5.23
CA ASN A 17 22.05 1.86 -5.01
C ASN A 17 20.81 1.17 -5.52
N GLY A 18 20.93 -0.11 -5.81
CA GLY A 18 19.77 -0.91 -6.23
C GLY A 18 19.96 -2.35 -5.84
N LEU A 19 19.00 -3.17 -6.24
CA LEU A 19 19.04 -4.63 -6.00
C LEU A 19 19.05 -5.36 -7.33
N ARG A 20 19.92 -6.36 -7.49
CA ARG A 20 19.95 -7.14 -8.73
C ARG A 20 19.95 -8.62 -8.41
N ALA A 21 19.54 -9.41 -9.41
CA ALA A 21 19.40 -10.85 -9.27
C ALA A 21 20.80 -11.50 -9.30
N VAL A 22 21.00 -12.43 -8.36
CA VAL A 22 22.21 -13.25 -8.24
C VAL A 22 22.04 -14.59 -8.98
N THR A 23 20.80 -15.02 -9.13
CA THR A 23 20.44 -16.27 -9.82
C THR A 23 19.29 -15.93 -10.77
N PRO A 24 19.10 -16.71 -11.86
CA PRO A 24 17.91 -16.50 -12.69
C PRO A 24 16.64 -16.67 -11.88
N LEU A 25 15.68 -15.77 -12.09
CA LEU A 25 14.44 -15.80 -11.32
C LEU A 25 13.26 -16.05 -12.22
N ARG A 26 12.27 -16.77 -11.70
CA ARG A 26 11.03 -16.98 -12.43
C ARG A 26 9.84 -16.28 -11.79
N PRO A 27 8.76 -16.08 -12.54
CA PRO A 27 7.61 -15.44 -11.93
C PRO A 27 7.11 -16.21 -10.73
N GLY A 28 6.83 -15.47 -9.65
CA GLY A 28 6.30 -16.05 -8.43
C GLY A 28 7.38 -16.40 -7.43
N GLU A 29 8.63 -16.39 -7.85
CA GLU A 29 9.72 -16.78 -6.95
C GLU A 29 9.81 -15.77 -5.79
N LEU A 30 9.90 -16.27 -4.54
CA LEU A 30 10.10 -15.43 -3.37
C LEU A 30 11.54 -14.95 -3.29
N LEU A 31 11.72 -13.64 -3.21
CA LEU A 31 13.06 -13.08 -3.27
C LEU A 31 13.53 -12.58 -1.91
N PHE A 32 12.59 -12.07 -1.11
CA PHE A 32 12.95 -11.56 0.23
C PHE A 32 11.69 -11.48 1.02
N ARG A 33 11.81 -11.53 2.34
CA ARG A 33 10.65 -11.28 3.18
C ARG A 33 11.12 -10.58 4.40
N SER A 34 10.26 -9.68 4.89
CA SER A 34 10.70 -8.77 5.94
C SER A 34 9.53 -8.37 6.82
N ASP A 35 9.78 -8.28 8.11
CA ASP A 35 8.94 -7.47 8.97
C ASP A 35 9.48 -6.05 8.92
N PRO A 36 8.70 -5.07 9.39
CA PRO A 36 9.18 -3.68 9.31
C PRO A 36 10.32 -3.44 10.30
N LEU A 37 11.17 -2.46 10.00
CA LEU A 37 12.00 -1.88 11.06
C LEU A 37 11.06 -1.22 12.09
N ALA A 38 10.08 -0.47 11.58
CA ALA A 38 9.07 0.23 12.36
C ALA A 38 7.85 0.40 11.53
N TYR A 39 6.68 0.43 12.18
CA TYR A 39 5.43 0.70 11.44
C TYR A 39 4.38 1.23 12.38
N THR A 40 3.37 1.88 11.82
CA THR A 40 2.25 2.35 12.57
C THR A 40 0.96 2.26 11.76
N VAL A 41 -0.16 2.15 12.44
CA VAL A 41 -1.45 2.31 11.75
C VAL A 41 -1.58 3.69 11.19
N CYS A 42 -2.24 3.82 10.04
N CYS A 42 -2.30 3.81 10.06
CA CYS A 42 -2.42 5.13 9.39
CA CYS A 42 -2.54 5.12 9.46
C CYS A 42 -3.64 5.86 9.93
C CYS A 42 -3.58 5.93 10.17
N LYS A 43 -3.66 7.17 9.74
CA LYS A 43 -4.60 8.11 10.32
C LYS A 43 -6.05 7.63 10.20
N GLY A 44 -6.42 7.16 9.02
CA GLY A 44 -7.81 6.77 8.77
C GLY A 44 -8.20 5.49 9.49
N SER A 45 -7.22 4.60 9.68
CA SER A 45 -7.50 3.26 10.20
C SER A 45 -7.30 3.16 11.73
N ARG A 46 -6.78 4.23 12.32
CA ARG A 46 -6.56 4.22 13.78
C ARG A 46 -7.91 3.96 14.47
N GLY A 47 -7.95 3.01 15.40
CA GLY A 47 -9.20 2.64 16.07
C GLY A 47 -10.15 1.79 15.25
N VAL A 48 -9.75 1.45 14.01
CA VAL A 48 -10.52 0.53 13.17
C VAL A 48 -9.83 -0.82 13.00
N VAL A 49 -8.51 -0.80 12.85
CA VAL A 49 -7.72 -2.04 12.79
C VAL A 49 -6.79 -2.13 13.99
N CYS A 50 -6.38 -3.36 14.30
CA CYS A 50 -5.47 -3.60 15.41
C CYS A 50 -4.11 -2.89 15.11
N ASP A 51 -3.65 -2.07 16.07
CA ASP A 51 -2.32 -1.46 15.97
C ASP A 51 -1.23 -2.49 15.56
N ARG A 52 -1.29 -3.71 16.12
CA ARG A 52 -0.24 -4.69 15.93
C ARG A 52 -0.48 -5.45 14.62
N CYS A 53 -1.62 -6.15 14.48
CA CYS A 53 -1.72 -7.09 13.37
C CYS A 53 -2.37 -6.47 12.13
N LEU A 54 -2.89 -5.25 12.26
CA LEU A 54 -3.55 -4.46 11.19
C LEU A 54 -4.76 -5.18 10.61
N LEU A 55 -5.43 -5.95 11.45
CA LEU A 55 -6.70 -6.58 11.07
C LEU A 55 -7.88 -5.79 11.64
N GLY A 56 -8.97 -5.73 10.89
CA GLY A 56 -10.16 -5.02 11.33
C GLY A 56 -10.93 -5.86 12.34
N LYS A 57 -11.53 -5.17 13.31
CA LYS A 57 -12.45 -5.83 14.23
C LYS A 57 -13.60 -4.87 14.54
N GLU A 58 -14.76 -5.43 14.88
CA GLU A 58 -15.89 -4.59 15.27
C GLU A 58 -15.56 -3.85 16.56
N LYS A 59 -14.99 -4.58 17.52
CA LYS A 59 -14.66 -3.97 18.80
C LYS A 59 -13.16 -4.16 19.07
N LEU A 60 -12.46 -3.05 19.28
CA LEU A 60 -11.04 -3.10 19.64
C LEU A 60 -10.87 -2.73 21.11
N MET A 61 -9.83 -3.25 21.72
CA MET A 61 -9.49 -2.88 23.09
C MET A 61 -8.38 -1.83 23.14
N ARG A 62 -8.61 -0.76 23.88
CA ARG A 62 -7.66 0.32 23.93
C ARG A 62 -6.62 0.15 25.04
N CYS A 63 -5.43 0.68 24.80
CA CYS A 63 -4.40 0.78 25.82
C CYS A 63 -4.91 1.69 26.91
N SER A 64 -4.85 1.22 28.15
CA SER A 64 -5.45 2.02 29.19
C SER A 64 -4.65 3.30 29.50
N GLN A 65 -3.34 3.25 29.30
CA GLN A 65 -2.44 4.37 29.65
C GLN A 65 -2.64 5.53 28.68
N CYS A 66 -2.61 5.25 27.38
CA CYS A 66 -2.73 6.34 26.41
C CYS A 66 -4.12 6.48 25.79
N ARG A 67 -4.83 5.36 25.67
CA ARG A 67 -6.12 5.31 25.00
C ARG A 67 -6.06 5.64 23.52
N VAL A 68 -4.86 5.49 22.95
CA VAL A 68 -4.67 5.79 21.53
C VAL A 68 -4.42 4.49 20.78
N ALA A 69 -3.49 3.68 21.29
CA ALA A 69 -3.22 2.36 20.71
C ALA A 69 -4.42 1.47 20.95
N LYS A 70 -4.88 0.75 19.92
CA LYS A 70 -6.00 -0.17 20.06
C LYS A 70 -5.70 -1.53 19.43
N TYR A 71 -6.25 -2.59 19.99
CA TYR A 71 -5.81 -3.92 19.65
C TYR A 71 -6.97 -4.88 19.50
N CYS A 72 -6.74 -5.93 18.73
CA CYS A 72 -7.71 -6.95 18.44
C CYS A 72 -7.96 -7.88 19.62
N SER A 73 -6.96 -8.00 20.49
CA SER A 73 -6.87 -9.12 21.41
C SER A 73 -5.89 -8.77 22.51
N ALA A 74 -6.06 -9.41 23.63
CA ALA A 74 -5.00 -9.42 24.62
C ALA A 74 -3.61 -9.85 24.12
N LYS A 75 -3.54 -10.83 23.23
CA LYS A 75 -2.27 -11.29 22.70
C LYS A 75 -1.61 -10.12 21.96
N CYS A 76 -2.38 -9.43 21.14
CA CYS A 76 -1.73 -8.33 20.35
C CYS A 76 -1.31 -7.17 21.23
N GLN A 77 -2.16 -6.78 22.21
CA GLN A 77 -1.85 -5.64 23.07
C GLN A 77 -0.55 -5.96 23.87
N LYS A 78 -0.49 -7.18 24.41
CA LYS A 78 0.69 -7.57 25.17
C LYS A 78 1.97 -7.69 24.31
N LYS A 79 1.85 -8.33 23.14
CA LYS A 79 2.98 -8.46 22.25
C LYS A 79 3.48 -7.09 21.77
N ALA A 80 2.55 -6.15 21.62
CA ALA A 80 2.90 -4.80 21.17
C ALA A 80 3.61 -3.94 22.23
N TRP A 81 3.56 -4.35 23.49
CA TRP A 81 3.92 -3.44 24.57
C TRP A 81 5.38 -3.00 24.49
N PRO A 82 6.32 -3.93 24.27
CA PRO A 82 7.71 -3.44 24.18
C PRO A 82 7.92 -2.33 23.15
N ASP A 83 7.29 -2.42 21.97
CA ASP A 83 7.48 -1.40 20.92
C ASP A 83 6.53 -0.20 21.08
N HIS A 84 5.57 -0.31 22.00
CA HIS A 84 4.66 0.77 22.29
C HIS A 84 5.00 1.58 23.58
N LYS A 85 5.77 1.01 24.50
CA LYS A 85 5.84 1.57 25.84
C LYS A 85 6.41 2.96 25.90
N ARG A 86 7.42 3.28 25.08
CA ARG A 86 7.92 4.66 25.05
C ARG A 86 7.03 5.66 24.35
N GLU A 87 6.40 5.27 23.24
CA GLU A 87 5.48 6.17 22.59
C GLU A 87 4.23 6.40 23.41
N CYS A 88 3.91 5.44 24.28
CA CYS A 88 2.70 5.51 25.07
C CYS A 88 2.71 6.79 25.94
N LYS A 89 3.84 7.03 26.60
CA LYS A 89 4.05 8.20 27.45
C LYS A 89 4.00 9.50 26.64
N CYS A 90 4.51 9.44 25.41
CA CYS A 90 4.43 10.62 24.53
C CYS A 90 3.01 10.89 24.04
N LEU A 91 2.33 9.85 23.56
CA LEU A 91 0.94 9.95 23.14
C LEU A 91 0.04 10.40 24.30
N LYS A 92 0.29 9.88 25.49
CA LYS A 92 -0.43 10.31 26.69
C LYS A 92 -0.18 11.80 26.97
N SER A 93 1.10 12.20 26.92
CA SER A 93 1.48 13.56 27.29
C SER A 93 0.80 14.60 26.41
N CYS A 94 0.67 14.32 25.12
CA CYS A 94 0.26 15.31 24.14
C CYS A 94 -1.22 15.21 23.79
N LYS A 95 -1.94 14.32 24.49
CA LYS A 95 -3.39 14.29 24.38
C LYS A 95 -3.98 15.69 24.63
N PRO A 96 -4.90 16.14 23.75
CA PRO A 96 -5.59 15.36 22.74
C PRO A 96 -4.98 15.52 21.35
N ARG A 97 -3.75 16.01 21.27
CA ARG A 97 -3.07 16.12 19.97
C ARG A 97 -2.68 14.71 19.50
N TYR A 98 -2.87 14.45 18.21
CA TYR A 98 -2.36 13.23 17.55
C TYR A 98 -1.40 13.62 16.44
N PRO A 99 -0.21 13.01 16.41
CA PRO A 99 0.81 13.43 15.46
C PRO A 99 0.54 12.96 14.02
N PRO A 100 1.14 13.61 13.03
CA PRO A 100 1.21 13.03 11.68
C PRO A 100 1.76 11.59 11.75
N ASP A 101 1.34 10.75 10.81
CA ASP A 101 1.80 9.37 10.75
C ASP A 101 3.34 9.29 10.66
N SER A 102 3.95 10.16 9.86
CA SER A 102 5.41 10.18 9.75
C SER A 102 6.11 10.43 11.04
N VAL A 103 5.50 11.24 11.91
CA VAL A 103 6.10 11.55 13.22
C VAL A 103 5.98 10.37 14.21
N ARG A 104 4.81 9.70 14.19
CA ARG A 104 4.66 8.50 15.00
C ARG A 104 5.62 7.38 14.49
N LEU A 105 5.73 7.28 13.17
CA LEU A 105 6.64 6.32 12.58
C LEU A 105 8.09 6.58 12.99
N LEU A 106 8.57 7.82 12.85
CA LEU A 106 9.96 8.09 13.20
C LEU A 106 10.22 7.89 14.66
N GLY A 107 9.21 8.20 15.50
CA GLY A 107 9.35 7.88 16.93
C GLY A 107 9.66 6.39 17.12
N ARG A 108 8.89 5.53 16.46
CA ARG A 108 9.14 4.09 16.55
C ARG A 108 10.47 3.69 15.96
N VAL A 109 10.90 4.35 14.90
CA VAL A 109 12.23 4.09 14.38
C VAL A 109 13.29 4.35 15.45
N VAL A 110 13.22 5.54 16.06
CA VAL A 110 14.22 5.94 17.03
C VAL A 110 14.21 4.93 18.21
N PHE A 111 13.03 4.55 18.68
CA PHE A 111 13.03 3.65 19.87
C PHE A 111 13.60 2.30 19.47
N LYS A 112 13.30 1.84 18.26
CA LYS A 112 13.80 0.54 17.80
C LYS A 112 15.31 0.59 17.70
N LEU A 113 15.84 1.68 17.12
CA LEU A 113 17.31 1.79 16.97
C LEU A 113 18.07 2.00 18.29
N MET A 114 17.45 2.64 19.26
CA MET A 114 18.03 2.85 20.58
C MET A 114 17.98 1.61 21.46
N ASP A 115 16.85 0.90 21.42
CA ASP A 115 16.53 -0.12 22.45
C ASP A 115 16.50 -1.54 21.94
N GLY A 116 16.32 -1.71 20.63
CA GLY A 116 16.15 -3.04 20.08
C GLY A 116 17.43 -3.58 19.53
N ALA A 117 17.53 -4.90 19.51
CA ALA A 117 18.63 -5.58 18.83
C ALA A 117 18.58 -5.24 17.35
N PRO A 118 19.70 -5.42 16.67
CA PRO A 118 19.77 -5.18 15.23
C PRO A 118 18.68 -5.96 14.51
N SER A 119 18.05 -5.28 13.57
CA SER A 119 16.80 -5.73 13.03
C SER A 119 17.10 -6.48 11.70
N GLU A 120 16.47 -7.65 11.50
CA GLU A 120 16.63 -8.41 10.27
C GLU A 120 16.15 -7.56 9.08
N SER A 121 15.24 -6.61 9.32
CA SER A 121 14.77 -5.72 8.23
C SER A 121 15.91 -4.92 7.63
N GLU A 122 17.02 -4.79 8.36
CA GLU A 122 18.16 -4.00 7.90
C GLU A 122 19.31 -4.88 7.34
N LYS A 123 18.98 -6.16 7.03
CA LYS A 123 20.04 -7.08 6.57
C LYS A 123 20.85 -6.56 5.37
N LEU A 124 20.14 -6.06 4.35
CA LEU A 124 20.80 -5.62 3.10
C LEU A 124 21.14 -4.15 3.08
N TYR A 125 20.44 -3.37 3.91
CA TYR A 125 20.51 -1.93 3.86
C TYR A 125 19.84 -1.42 5.12
N SER A 126 20.41 -0.38 5.70
CA SER A 126 19.93 0.10 7.03
C SER A 126 19.25 1.45 6.93
N PHE A 127 18.56 1.85 8.00
CA PHE A 127 17.99 3.21 8.03
C PHE A 127 19.09 4.24 7.78
N TYR A 128 20.27 3.92 8.32
N TYR A 128 20.31 4.01 8.31
CA TYR A 128 21.42 4.80 8.20
CA TYR A 128 21.36 5.02 8.11
C TYR A 128 21.77 5.08 6.72
C TYR A 128 21.86 5.09 6.65
N ASP A 129 21.61 4.04 5.89
CA ASP A 129 21.99 4.00 4.50
C ASP A 129 20.94 4.65 3.59
N LEU A 130 19.71 4.84 4.08
CA LEU A 130 18.64 5.23 3.16
C LEU A 130 18.93 6.57 2.47
N GLU A 131 18.41 6.65 1.24
CA GLU A 131 18.51 7.87 0.45
C GLU A 131 17.64 8.99 1.06
N SER A 132 18.21 10.18 1.18
CA SER A 132 17.49 11.35 1.69
C SER A 132 17.14 12.37 0.61
N ASN A 133 17.84 12.31 -0.53
CA ASN A 133 17.65 13.31 -1.61
C ASN A 133 17.81 14.75 -1.13
N ILE A 134 18.62 14.98 -0.08
CA ILE A 134 18.63 16.31 0.47
C ILE A 134 19.13 17.35 -0.52
N ASN A 135 20.01 16.98 -1.43
CA ASN A 135 20.46 18.01 -2.38
C ASN A 135 19.50 18.23 -3.52
N LYS A 136 18.33 17.58 -3.48
CA LYS A 136 17.30 17.84 -4.51
C LYS A 136 16.00 18.47 -3.97
N LEU A 137 15.91 18.61 -2.65
CA LEU A 137 14.70 19.12 -2.06
C LEU A 137 14.52 20.57 -2.43
N THR A 138 13.26 20.93 -2.69
CA THR A 138 12.91 22.30 -2.93
C THR A 138 12.80 23.04 -1.60
N GLU A 139 12.86 24.36 -1.65
CA GLU A 139 12.73 25.14 -0.41
C GLU A 139 11.36 24.87 0.26
N ASP A 140 10.32 24.61 -0.53
CA ASP A 140 8.97 24.35 0.01
C ASP A 140 9.00 23.04 0.78
N ARG A 141 9.68 22.05 0.24
CA ARG A 141 9.81 20.76 0.95
C ARG A 141 10.64 20.89 2.23
N LYS A 142 11.74 21.67 2.15
CA LYS A 142 12.60 21.81 3.33
C LYS A 142 11.84 22.48 4.48
N GLU A 143 11.01 23.48 4.15
CA GLU A 143 10.12 24.10 5.15
C GLU A 143 9.16 23.11 5.82
N GLY A 144 8.62 22.22 5.01
CA GLY A 144 7.74 21.16 5.55
C GLY A 144 8.50 20.26 6.47
N LEU A 145 9.72 19.91 6.07
CA LEU A 145 10.51 19.00 6.91
C LEU A 145 10.87 19.68 8.21
N ARG A 146 11.18 21.01 8.18
CA ARG A 146 11.43 21.75 9.42
C ARG A 146 10.26 21.68 10.37
N GLN A 147 9.07 21.85 9.85
CA GLN A 147 7.86 21.71 10.66
C GLN A 147 7.69 20.31 11.25
N LEU A 148 7.98 19.25 10.48
CA LEU A 148 7.92 17.88 11.00
C LEU A 148 8.95 17.66 12.11
N VAL A 149 10.15 18.23 11.95
CA VAL A 149 11.17 18.12 13.00
C VAL A 149 10.66 18.76 14.31
N MET A 150 10.11 19.96 14.21
CA MET A 150 9.55 20.61 15.41
C MET A 150 8.36 19.86 15.97
N THR A 151 7.57 19.21 15.12
CA THR A 151 6.44 18.42 15.61
C THR A 151 6.95 17.16 16.36
N PHE A 152 8.03 16.57 15.88
CA PHE A 152 8.61 15.40 16.55
C PHE A 152 9.18 15.81 17.89
N GLN A 153 9.88 16.95 17.92
CA GLN A 153 10.48 17.39 19.17
C GLN A 153 9.42 17.65 20.24
N HIS A 154 8.26 18.14 19.81
CA HIS A 154 7.15 18.41 20.73
C HIS A 154 6.53 17.08 21.20
N PHE A 155 6.29 16.19 20.26
CA PHE A 155 5.54 14.94 20.53
C PHE A 155 6.41 14.08 21.43
N MET A 156 7.72 14.10 21.21
CA MET A 156 8.60 13.09 21.85
C MET A 156 9.18 13.55 23.17
N ARG A 157 8.87 14.78 23.57
CA ARG A 157 9.63 15.46 24.60
C ARG A 157 9.69 14.70 25.93
N GLU A 158 8.67 13.91 26.22
CA GLU A 158 8.74 13.09 27.44
C GLU A 158 9.82 12.02 27.41
N GLU A 159 10.20 11.56 26.22
CA GLU A 159 11.08 10.42 26.10
C GLU A 159 12.44 10.82 25.57
N ILE A 160 12.45 11.86 24.76
CA ILE A 160 13.66 12.27 24.07
C ILE A 160 13.85 13.75 24.31
N GLN A 161 14.88 14.07 25.09
CA GLN A 161 15.15 15.46 25.48
C GLN A 161 16.37 16.02 24.75
N ASP A 162 17.36 15.18 24.52
CA ASP A 162 18.56 15.62 23.81
C ASP A 162 19.13 14.55 22.90
N ALA A 163 20.29 14.84 22.33
CA ALA A 163 20.92 13.99 21.33
C ALA A 163 21.44 12.68 21.90
N SER A 164 21.66 12.64 23.22
CA SER A 164 22.14 11.42 23.88
C SER A 164 21.08 10.30 23.79
N GLN A 165 19.84 10.69 23.54
CA GLN A 165 18.74 9.72 23.39
C GLN A 165 18.41 9.40 21.94
N LEU A 166 19.15 10.01 21.02
CA LEU A 166 19.09 9.63 19.60
C LEU A 166 20.30 8.79 19.18
N PRO A 167 20.17 8.03 18.09
CA PRO A 167 21.36 7.30 17.67
C PRO A 167 22.57 8.22 17.41
N PRO A 168 23.78 7.64 17.39
CA PRO A 168 25.00 8.37 17.06
C PRO A 168 24.80 9.33 15.88
N ALA A 169 24.99 10.63 16.09
CA ALA A 169 25.03 11.61 14.98
C ALA A 169 23.68 11.74 14.21
N PHE A 170 22.59 11.31 14.86
CA PHE A 170 21.27 11.26 14.20
C PHE A 170 20.74 12.67 13.95
N ASP A 171 20.33 12.96 12.71
CA ASP A 171 19.87 14.28 12.38
C ASP A 171 18.41 14.17 11.99
N LEU A 172 17.53 14.82 12.75
CA LEU A 172 16.08 14.65 12.55
C LEU A 172 15.60 15.13 11.18
N PHE A 173 16.20 16.19 10.66
CA PHE A 173 15.82 16.70 9.35
C PHE A 173 16.14 15.66 8.27
N GLU A 174 17.33 15.08 8.33
CA GLU A 174 17.70 14.04 7.40
C GLU A 174 16.80 12.83 7.58
N ALA A 175 16.50 12.48 8.83
CA ALA A 175 15.67 11.31 9.09
C ALA A 175 14.30 11.48 8.43
N PHE A 176 13.67 12.66 8.58
CA PHE A 176 12.38 12.86 7.91
C PHE A 176 12.50 12.89 6.40
N ALA A 177 13.61 13.41 5.87
CA ALA A 177 13.78 13.35 4.39
C ALA A 177 13.83 11.87 3.98
N LYS A 178 14.51 11.02 4.77
CA LYS A 178 14.52 9.57 4.45
C LYS A 178 13.12 8.98 4.56
N VAL A 179 12.36 9.39 5.56
CA VAL A 179 10.98 8.84 5.66
C VAL A 179 10.13 9.22 4.44
N ILE A 180 10.25 10.44 3.93
CA ILE A 180 9.45 10.87 2.74
C ILE A 180 9.62 9.94 1.55
N CYS A 181 10.86 9.59 1.23
CA CYS A 181 11.09 8.80 0.02
C CYS A 181 11.31 7.31 0.24
N ASN A 182 11.18 6.84 1.48
CA ASN A 182 11.31 5.41 1.76
C ASN A 182 10.19 4.77 2.55
N SER A 183 9.12 5.51 2.79
CA SER A 183 7.92 4.95 3.41
C SER A 183 7.19 3.99 2.49
N PHE A 184 6.75 2.88 3.07
CA PHE A 184 5.87 1.92 2.39
C PHE A 184 4.48 2.07 2.96
N THR A 185 3.48 2.11 2.08
CA THR A 185 2.09 2.03 2.51
C THR A 185 1.70 0.57 2.66
N ILE A 186 1.27 0.21 3.88
CA ILE A 186 0.88 -1.17 4.15
C ILE A 186 -0.59 -1.37 3.83
N CYS A 187 -0.88 -2.38 3.00
CA CYS A 187 -2.28 -2.63 2.61
C CYS A 187 -2.73 -3.96 3.20
N ASN A 188 -3.99 -4.02 3.62
CA ASN A 188 -4.55 -5.29 4.09
C ASN A 188 -4.82 -6.25 2.97
N ALA A 189 -5.43 -7.40 3.28
CA ALA A 189 -5.62 -8.45 2.30
C ALA A 189 -6.55 -7.96 1.17
N GLU A 190 -7.47 -7.06 1.52
CA GLU A 190 -8.45 -6.49 0.57
C GLU A 190 -7.90 -5.28 -0.20
N MET A 191 -6.62 -4.97 0.03
CA MET A 191 -5.94 -3.82 -0.61
C MET A 191 -6.38 -2.43 -0.16
N GLN A 192 -6.91 -2.38 1.07
N GLN A 192 -6.90 -2.35 1.07
CA GLN A 192 -7.18 -1.15 1.78
CA GLN A 192 -7.20 -1.07 1.66
C GLN A 192 -5.88 -0.71 2.46
C GLN A 192 -6.07 -0.63 2.57
N GLU A 193 -5.56 0.57 2.33
CA GLU A 193 -4.40 1.14 3.03
C GLU A 193 -4.66 1.18 4.53
N VAL A 194 -3.80 0.53 5.30
CA VAL A 194 -4.02 0.45 6.78
C VAL A 194 -2.86 0.93 7.62
N GLY A 195 -1.67 1.03 7.05
CA GLY A 195 -0.54 1.49 7.82
C GLY A 195 0.58 2.02 6.99
N VAL A 196 1.61 2.49 7.68
CA VAL A 196 2.86 2.93 7.06
C VAL A 196 4.05 2.31 7.78
N GLY A 197 5.07 1.90 7.03
CA GLY A 197 6.23 1.24 7.65
C GLY A 197 7.51 1.55 6.89
N LEU A 198 8.63 1.26 7.55
CA LEU A 198 9.96 1.29 6.90
C LEU A 198 10.49 -0.13 6.85
N TYR A 199 11.01 -0.49 5.67
CA TYR A 199 11.53 -1.83 5.38
C TYR A 199 12.89 -1.59 4.66
N PRO A 200 13.95 -1.27 5.41
CA PRO A 200 15.09 -0.66 4.70
C PRO A 200 15.80 -1.53 3.65
N SER A 201 15.79 -2.85 3.80
CA SER A 201 16.34 -3.72 2.76
C SER A 201 15.51 -3.61 1.47
N ILE A 202 14.18 -3.54 1.61
CA ILE A 202 13.28 -3.50 0.46
C ILE A 202 13.40 -2.12 -0.18
N SER A 203 13.87 -1.12 0.59
CA SER A 203 14.09 0.20 0.02
C SER A 203 15.22 0.27 -0.99
N LEU A 204 15.98 -0.82 -1.18
CA LEU A 204 16.96 -0.87 -2.26
C LEU A 204 16.33 -0.91 -3.61
N LEU A 205 15.07 -1.31 -3.70
CA LEU A 205 14.49 -1.49 -5.04
C LEU A 205 14.17 -0.14 -5.66
N ASN A 206 14.70 0.11 -6.86
CA ASN A 206 14.29 1.27 -7.62
C ASN A 206 12.99 1.07 -8.37
N HIS A 207 12.41 2.18 -8.79
CA HIS A 207 11.11 2.22 -9.43
C HIS A 207 11.12 1.90 -10.91
N SER A 208 10.06 1.23 -11.36
CA SER A 208 9.72 1.24 -12.78
C SER A 208 8.23 1.27 -12.95
N CYS A 209 7.80 1.97 -14.02
CA CYS A 209 6.40 2.00 -14.37
C CYS A 209 5.90 0.69 -15.02
N ASP A 210 6.86 -0.20 -15.28
CA ASP A 210 6.61 -1.58 -15.79
C ASP A 210 7.60 -2.55 -15.16
N PRO A 211 7.32 -2.92 -13.91
CA PRO A 211 8.34 -3.48 -13.09
C PRO A 211 8.49 -5.00 -13.25
N ASN A 212 9.59 -5.56 -12.76
CA ASN A 212 9.76 -7.03 -12.79
C ASN A 212 9.58 -7.76 -11.49
N CYS A 213 9.38 -7.00 -10.42
CA CYS A 213 8.99 -7.56 -9.12
C CYS A 213 7.74 -6.87 -8.58
N SER A 214 7.23 -7.42 -7.48
CA SER A 214 6.11 -6.85 -6.78
C SER A 214 6.23 -7.15 -5.32
N ILE A 215 5.71 -6.25 -4.49
CA ILE A 215 5.56 -6.55 -3.07
C ILE A 215 4.10 -6.74 -2.69
N VAL A 216 3.88 -7.52 -1.63
CA VAL A 216 2.56 -7.70 -1.05
C VAL A 216 2.69 -7.81 0.46
N PHE A 217 1.68 -7.29 1.15
CA PHE A 217 1.65 -7.31 2.63
C PHE A 217 0.71 -8.38 3.12
N ASN A 218 1.16 -9.08 4.15
CA ASN A 218 0.33 -10.01 4.92
C ASN A 218 0.42 -9.53 6.37
N GLY A 219 -0.55 -8.76 6.81
CA GLY A 219 -0.38 -7.90 7.99
C GLY A 219 0.83 -6.99 7.78
N PRO A 220 1.65 -6.81 8.82
CA PRO A 220 2.86 -5.94 8.61
C PRO A 220 3.96 -6.63 7.81
N HIS A 221 3.78 -7.92 7.54
CA HIS A 221 4.87 -8.68 6.91
C HIS A 221 4.87 -8.48 5.40
N LEU A 222 6.05 -8.26 4.83
CA LEU A 222 6.18 -7.94 3.41
C LEU A 222 6.86 -9.10 2.70
N LEU A 223 6.28 -9.46 1.55
CA LEU A 223 6.88 -10.46 0.68
C LEU A 223 7.28 -9.80 -0.61
N LEU A 224 8.49 -10.03 -1.05
CA LEU A 224 8.95 -9.54 -2.36
C LEU A 224 9.05 -10.71 -3.33
N ARG A 225 8.39 -10.59 -4.48
CA ARG A 225 8.35 -11.71 -5.45
C ARG A 225 8.71 -11.21 -6.85
N ALA A 226 9.35 -12.07 -7.64
CA ALA A 226 9.48 -11.76 -9.06
C ALA A 226 8.14 -11.92 -9.73
N VAL A 227 7.85 -11.03 -10.71
CA VAL A 227 6.64 -11.22 -11.49
C VAL A 227 6.90 -11.40 -12.99
N ARG A 228 8.18 -11.37 -13.37
CA ARG A 228 8.66 -11.66 -14.76
C ARG A 228 9.86 -12.58 -14.62
N ASP A 229 10.27 -13.16 -15.73
CA ASP A 229 11.59 -13.81 -15.77
C ASP A 229 12.65 -12.73 -15.57
N ILE A 230 13.66 -13.03 -14.75
CA ILE A 230 14.75 -12.11 -14.53
C ILE A 230 16.08 -12.85 -14.70
N GLU A 231 16.98 -12.24 -15.43
CA GLU A 231 18.33 -12.78 -15.64
C GLU A 231 19.30 -12.47 -14.52
N VAL A 232 20.32 -13.31 -14.35
CA VAL A 232 21.43 -12.94 -13.49
C VAL A 232 21.98 -11.54 -13.83
N GLY A 233 22.17 -10.70 -12.79
CA GLY A 233 22.68 -9.36 -12.97
C GLY A 233 21.66 -8.29 -13.32
N GLU A 234 20.43 -8.72 -13.60
CA GLU A 234 19.39 -7.77 -14.01
C GLU A 234 18.85 -7.06 -12.77
N GLU A 235 18.68 -5.75 -12.90
CA GLU A 235 18.14 -4.95 -11.79
C GLU A 235 16.71 -5.35 -11.50
N LEU A 236 16.41 -5.40 -10.21
CA LEU A 236 15.05 -5.70 -9.71
C LEU A 236 14.36 -4.38 -9.47
N THR A 237 13.13 -4.28 -9.96
CA THR A 237 12.34 -3.05 -9.76
C THR A 237 10.93 -3.35 -9.30
N ILE A 238 10.36 -2.38 -8.59
CA ILE A 238 8.94 -2.38 -8.27
C ILE A 238 8.31 -1.08 -8.71
N CYS A 239 7.00 -1.07 -8.89
CA CYS A 239 6.33 0.19 -9.18
C CYS A 239 5.96 0.86 -7.86
N TYR A 240 6.43 2.08 -7.65
CA TYR A 240 6.12 2.81 -6.40
C TYR A 240 4.70 3.31 -6.37
N LEU A 241 4.07 3.34 -7.55
CA LEU A 241 2.86 4.13 -7.76
C LEU A 241 1.64 3.25 -8.10
N ASP A 242 0.49 3.79 -7.78
CA ASP A 242 -0.76 3.19 -8.25
C ASP A 242 -0.78 3.10 -9.77
N MET A 243 -1.32 1.99 -10.30
CA MET A 243 -1.34 1.84 -11.78
C MET A 243 -2.32 2.74 -12.47
N LEU A 244 -3.36 3.17 -11.77
CA LEU A 244 -4.40 4.01 -12.36
C LEU A 244 -3.97 5.47 -12.23
N MET A 245 -2.96 5.82 -13.05
CA MET A 245 -2.34 7.17 -13.06
C MET A 245 -1.85 7.39 -14.47
N THR A 246 -1.98 8.64 -14.91
CA THR A 246 -1.44 9.04 -16.21
C THR A 246 0.05 9.36 -16.05
N SER A 247 0.80 9.42 -17.14
CA SER A 247 2.24 9.80 -17.08
C SER A 247 2.45 11.17 -16.44
N GLU A 248 1.52 12.10 -16.64
CA GLU A 248 1.62 13.42 -15.97
C GLU A 248 1.50 13.28 -14.46
N GLU A 249 0.54 12.45 -14.01
CA GLU A 249 0.36 12.24 -12.58
C GLU A 249 1.54 11.53 -12.02
N ARG A 250 2.08 10.56 -12.74
CA ARG A 250 3.28 9.82 -12.22
C ARG A 250 4.45 10.82 -12.13
N ARG A 251 4.61 11.65 -13.15
CA ARG A 251 5.71 12.63 -13.12
C ARG A 251 5.62 13.50 -11.88
N LYS A 252 4.44 14.01 -11.59
CA LYS A 252 4.26 14.86 -10.41
C LYS A 252 4.67 14.13 -9.11
N GLN A 253 4.22 12.90 -8.95
CA GLN A 253 4.47 12.19 -7.69
C GLN A 253 5.94 11.77 -7.60
N LEU A 254 6.54 11.37 -8.71
CA LEU A 254 7.96 10.94 -8.68
C LEU A 254 8.85 12.14 -8.43
N ARG A 255 8.49 13.32 -8.97
CA ARG A 255 9.22 14.54 -8.59
C ARG A 255 9.04 14.91 -7.13
N ASP A 256 7.79 15.04 -6.73
CA ASP A 256 7.45 15.63 -5.43
C ASP A 256 7.89 14.76 -4.29
N GLN A 257 7.71 13.44 -4.38
CA GLN A 257 7.96 12.55 -3.26
C GLN A 257 9.37 11.98 -3.39
N TYR A 258 9.77 11.62 -4.61
CA TYR A 258 11.02 10.83 -4.77
C TYR A 258 12.17 11.57 -5.46
N CYS A 259 11.92 12.80 -5.87
CA CYS A 259 12.95 13.63 -6.56
C CYS A 259 13.66 12.92 -7.71
N PHE A 260 12.89 12.28 -8.61
CA PHE A 260 13.45 11.92 -9.92
C PHE A 260 12.45 12.05 -11.07
N GLU A 261 13.04 12.03 -12.28
CA GLU A 261 12.32 12.07 -13.54
C GLU A 261 12.44 10.68 -14.16
N CYS A 262 11.30 10.00 -14.32
N CYS A 262 11.37 10.26 -14.80
CA CYS A 262 11.36 8.59 -14.72
CA CYS A 262 11.38 9.00 -15.50
C CYS A 262 11.50 8.52 -16.22
C CYS A 262 11.37 9.19 -17.01
N ASP A 263 12.46 7.76 -16.71
N ASP A 263 12.35 8.62 -17.70
CA ASP A 263 12.59 7.66 -18.15
CA ASP A 263 12.36 8.58 -19.16
C ASP A 263 12.33 6.27 -18.74
C ASP A 263 12.15 7.17 -19.72
N CYS A 264 11.39 5.53 -18.14
N CYS A 264 11.35 6.39 -19.02
CA CYS A 264 10.82 4.34 -18.84
CA CYS A 264 11.10 5.02 -19.43
C CYS A 264 10.03 4.69 -20.14
C CYS A 264 10.18 4.97 -20.59
N PHE A 265 10.00 3.76 -21.12
CA PHE A 265 9.20 3.75 -22.32
C PHE A 265 7.78 4.27 -22.10
N ARG A 266 7.14 3.86 -20.98
CA ARG A 266 5.76 4.30 -20.79
C ARG A 266 5.70 5.80 -20.61
N CYS A 267 6.68 6.35 -19.89
CA CYS A 267 6.66 7.81 -19.69
C CYS A 267 7.03 8.58 -20.98
N GLN A 268 7.96 8.10 -21.80
N GLN A 268 7.95 8.00 -21.73
CA GLN A 268 8.17 8.83 -23.07
CA GLN A 268 8.36 8.53 -23.01
C GLN A 268 6.97 8.84 -23.98
C GLN A 268 7.23 8.62 -24.06
N THR A 269 6.23 7.74 -23.96
CA THR A 269 5.24 7.56 -24.99
C THR A 269 3.83 7.84 -24.44
N GLN A 270 3.72 8.28 -23.17
CA GLN A 270 2.40 8.49 -22.59
C GLN A 270 1.55 7.24 -22.70
N ASP A 271 2.18 6.08 -22.50
CA ASP A 271 1.50 4.80 -22.67
C ASP A 271 0.23 4.71 -21.83
N LYS A 272 -0.86 4.43 -22.51
CA LYS A 272 -2.22 4.28 -21.92
C LYS A 272 -2.92 5.57 -21.53
N ASP A 273 -2.21 6.71 -21.59
CA ASP A 273 -2.85 7.95 -21.10
C ASP A 273 -4.14 8.28 -21.83
N ALA A 274 -4.15 8.11 -23.15
CA ALA A 274 -5.33 8.57 -23.89
C ALA A 274 -6.55 7.71 -23.51
N ASP A 275 -6.37 6.39 -23.39
CA ASP A 275 -7.50 5.52 -23.06
C ASP A 275 -7.97 5.79 -21.59
N MET A 276 -7.00 6.08 -20.69
CA MET A 276 -7.34 6.40 -19.31
C MET A 276 -8.24 7.65 -19.18
N LEU A 277 -8.15 8.58 -20.16
CA LEU A 277 -8.83 9.87 -20.05
C LEU A 277 -9.95 10.00 -21.08
N THR A 278 -10.50 8.87 -21.49
CA THR A 278 -11.66 8.91 -22.40
C THR A 278 -12.93 9.42 -21.70
N GLY A 279 -13.85 9.90 -22.52
CA GLY A 279 -15.04 10.57 -21.99
C GLY A 279 -14.92 12.07 -21.92
N ASP A 280 -15.98 12.73 -21.49
CA ASP A 280 -16.00 14.17 -21.53
C ASP A 280 -15.09 14.72 -20.44
N GLU A 281 -14.22 15.66 -20.81
CA GLU A 281 -13.19 16.12 -19.89
C GLU A 281 -13.77 16.92 -18.74
N GLN A 282 -14.81 17.72 -19.02
CA GLN A 282 -15.48 18.40 -17.90
C GLN A 282 -16.04 17.45 -16.88
N VAL A 283 -16.60 16.34 -17.35
CA VAL A 283 -17.14 15.36 -16.43
C VAL A 283 -16.02 14.66 -15.65
N TRP A 284 -14.96 14.24 -16.34
CA TRP A 284 -13.94 13.54 -15.56
C TRP A 284 -13.15 14.44 -14.62
N LYS A 285 -13.03 15.72 -14.98
CA LYS A 285 -12.41 16.66 -14.06
C LYS A 285 -13.24 16.75 -12.75
N GLU A 286 -14.56 16.76 -12.89
CA GLU A 286 -15.46 16.81 -11.72
C GLU A 286 -15.37 15.54 -10.88
N VAL A 287 -15.26 14.41 -11.55
CA VAL A 287 -15.17 13.13 -10.84
C VAL A 287 -13.81 12.98 -10.15
N GLN A 288 -12.74 13.40 -10.82
CA GLN A 288 -11.43 13.41 -10.18
C GLN A 288 -11.47 14.30 -8.92
N GLU A 289 -12.19 15.42 -8.98
CA GLU A 289 -12.31 16.27 -7.79
C GLU A 289 -13.10 15.59 -6.67
N SER A 290 -14.22 14.96 -7.04
CA SER A 290 -15.06 14.26 -6.08
C SER A 290 -14.32 13.10 -5.42
N LEU A 291 -13.41 12.45 -6.17
CA LEU A 291 -12.57 11.34 -5.62
C LEU A 291 -11.72 11.75 -4.44
N LYS A 292 -11.30 13.01 -4.39
CA LYS A 292 -10.54 13.47 -3.18
C LYS A 292 -11.35 13.19 -1.91
N LYS A 293 -12.64 13.54 -1.93
CA LYS A 293 -13.49 13.28 -0.78
C LYS A 293 -13.81 11.80 -0.63
N ILE A 294 -14.15 11.16 -1.74
CA ILE A 294 -14.51 9.76 -1.69
C ILE A 294 -13.36 8.93 -1.09
N GLU A 295 -12.12 9.19 -1.53
CA GLU A 295 -10.98 8.43 -1.03
C GLU A 295 -10.68 8.73 0.45
N GLU A 296 -10.89 9.97 0.84
CA GLU A 296 -10.76 10.33 2.26
C GLU A 296 -11.77 9.56 3.12
N LEU A 297 -13.03 9.58 2.70
CA LEU A 297 -14.05 8.79 3.39
C LEU A 297 -13.69 7.32 3.45
N LYS A 298 -13.16 6.81 2.34
CA LYS A 298 -12.82 5.42 2.30
C LYS A 298 -11.66 5.13 3.25
N ALA A 299 -10.70 6.04 3.31
CA ALA A 299 -9.53 5.89 4.20
C ALA A 299 -9.96 5.78 5.67
N HIS A 300 -11.11 6.37 5.98
CA HIS A 300 -11.66 6.32 7.34
C HIS A 300 -12.80 5.28 7.50
N TRP A 301 -12.97 4.45 6.47
CA TRP A 301 -13.83 3.29 6.53
C TRP A 301 -15.29 3.72 6.66
N LYS A 302 -15.60 4.90 6.10
CA LYS A 302 -16.96 5.41 6.12
C LYS A 302 -17.79 4.92 4.91
N TRP A 303 -18.14 3.64 4.94
CA TRP A 303 -18.70 2.97 3.72
C TRP A 303 -20.01 3.51 3.20
N GLU A 304 -20.86 4.05 4.07
N GLU A 304 -21.01 3.56 4.08
CA GLU A 304 -22.13 4.64 3.61
CA GLU A 304 -22.33 4.06 3.70
C GLU A 304 -21.97 5.98 2.93
C GLU A 304 -22.14 5.32 2.88
N GLN A 305 -21.05 6.80 3.44
N GLN A 305 -21.21 6.15 3.33
CA GLN A 305 -20.79 8.03 2.76
CA GLN A 305 -21.04 7.51 2.83
C GLN A 305 -20.05 7.76 1.44
C GLN A 305 -20.26 7.54 1.49
N VAL A 306 -19.25 6.69 1.41
CA VAL A 306 -18.53 6.37 0.18
C VAL A 306 -19.56 5.95 -0.86
N LEU A 307 -20.45 5.05 -0.48
CA LEU A 307 -21.43 4.50 -1.45
C LEU A 307 -22.30 5.61 -2.00
N ALA A 308 -22.80 6.48 -1.11
CA ALA A 308 -23.70 7.55 -1.57
C ALA A 308 -23.06 8.50 -2.58
N MET A 309 -21.81 8.88 -2.33
CA MET A 309 -21.11 9.70 -3.30
C MET A 309 -20.83 8.97 -4.63
N CYS A 310 -20.54 7.68 -4.54
CA CYS A 310 -20.22 6.90 -5.75
C CYS A 310 -21.46 6.69 -6.57
N GLN A 311 -22.58 6.35 -5.94
CA GLN A 311 -23.82 6.17 -6.68
C GLN A 311 -24.24 7.45 -7.39
N ALA A 312 -23.93 8.62 -6.81
CA ALA A 312 -24.32 9.91 -7.42
C ALA A 312 -23.56 10.14 -8.73
N ILE A 313 -22.43 9.46 -8.87
CA ILE A 313 -21.65 9.51 -10.11
C ILE A 313 -22.04 8.36 -11.05
N ILE A 314 -22.07 7.14 -10.55
CA ILE A 314 -22.24 5.97 -11.39
C ILE A 314 -23.62 6.01 -12.00
N SER A 315 -24.57 6.49 -11.22
CA SER A 315 -25.97 6.62 -11.69
C SER A 315 -26.45 8.06 -11.84
N SER A 316 -25.53 8.98 -12.16
CA SER A 316 -25.87 10.37 -12.37
C SER A 316 -27.00 10.53 -13.39
N ASN A 317 -27.83 11.54 -13.13
N ASN A 317 -27.82 11.56 -13.18
CA ASN A 317 -28.77 12.01 -14.12
CA ASN A 317 -28.76 11.95 -14.24
C ASN A 317 -28.04 12.66 -15.29
C ASN A 317 -28.14 12.91 -15.24
N SER A 318 -26.89 13.26 -15.02
CA SER A 318 -26.11 13.99 -16.02
C SER A 318 -25.09 13.05 -16.70
N GLU A 319 -24.25 13.61 -17.56
CA GLU A 319 -23.37 12.83 -18.45
C GLU A 319 -22.47 11.89 -17.65
N ARG A 320 -22.27 10.71 -18.22
CA ARG A 320 -21.54 9.64 -17.56
C ARG A 320 -20.24 9.36 -18.32
N LEU A 321 -19.33 8.69 -17.65
CA LEU A 321 -18.04 8.33 -18.21
C LEU A 321 -17.93 6.85 -18.56
N PRO A 322 -17.06 6.51 -19.53
CA PRO A 322 -16.77 5.11 -19.76
C PRO A 322 -16.02 4.48 -18.60
N ASP A 323 -16.21 3.19 -18.41
CA ASP A 323 -15.58 2.52 -17.26
C ASP A 323 -14.04 2.40 -17.41
N ILE A 324 -13.50 2.58 -18.62
CA ILE A 324 -12.05 2.57 -18.76
C ILE A 324 -11.44 3.93 -18.40
N ASN A 325 -12.26 4.95 -18.22
CA ASN A 325 -11.73 6.23 -17.67
C ASN A 325 -11.26 5.96 -16.23
N ILE A 326 -10.05 6.36 -15.88
CA ILE A 326 -9.49 5.88 -14.61
C ILE A 326 -10.24 6.47 -13.40
N TYR A 327 -10.80 7.67 -13.55
CA TYR A 327 -11.54 8.28 -12.44
C TYR A 327 -12.88 7.57 -12.23
N GLN A 328 -13.59 7.32 -13.33
CA GLN A 328 -14.76 6.45 -13.27
C GLN A 328 -14.42 5.08 -12.67
N LEU A 329 -13.29 4.50 -13.10
CA LEU A 329 -12.88 3.18 -12.63
C LEU A 329 -12.62 3.15 -11.12
N LYS A 330 -11.96 4.19 -10.62
CA LYS A 330 -11.71 4.26 -9.19
C LYS A 330 -13.03 4.41 -8.42
N VAL A 331 -14.00 5.14 -8.99
CA VAL A 331 -15.32 5.30 -8.39
C VAL A 331 -16.07 3.96 -8.36
N LEU A 332 -16.02 3.21 -9.45
CA LEU A 332 -16.58 1.84 -9.44
C LEU A 332 -15.94 0.94 -8.35
N ASP A 333 -14.61 0.99 -8.23
CA ASP A 333 -13.90 0.16 -7.29
C ASP A 333 -14.24 0.55 -5.84
N CYS A 334 -14.36 1.85 -5.56
CA CYS A 334 -14.75 2.28 -4.20
C CYS A 334 -16.17 1.79 -3.94
N ALA A 335 -17.03 1.90 -4.94
CA ALA A 335 -18.44 1.53 -4.76
C ALA A 335 -18.56 0.03 -4.52
N MET A 336 -17.76 -0.77 -5.22
CA MET A 336 -17.74 -2.20 -5.00
C MET A 336 -17.34 -2.51 -3.55
N ASP A 337 -16.21 -1.95 -3.14
CA ASP A 337 -15.72 -2.22 -1.79
C ASP A 337 -16.69 -1.75 -0.73
N ALA A 338 -17.33 -0.60 -0.92
CA ALA A 338 -18.36 -0.11 0.05
C ALA A 338 -19.53 -1.09 0.11
N CYS A 339 -19.98 -1.57 -1.04
CA CYS A 339 -21.06 -2.58 -1.05
C CYS A 339 -20.67 -3.87 -0.36
N ILE A 340 -19.43 -4.32 -0.53
CA ILE A 340 -19.00 -5.58 0.08
C ILE A 340 -19.01 -5.41 1.59
N ASN A 341 -18.49 -4.27 2.05
CA ASN A 341 -18.42 -4.02 3.51
C ASN A 341 -19.77 -3.82 4.14
N LEU A 342 -20.76 -3.44 3.34
CA LEU A 342 -22.12 -3.12 3.81
C LEU A 342 -23.05 -4.31 3.57
N GLY A 343 -22.52 -5.36 2.94
CA GLY A 343 -23.30 -6.58 2.65
C GLY A 343 -24.33 -6.41 1.57
N LEU A 344 -24.11 -5.43 0.67
CA LEU A 344 -24.92 -5.25 -0.52
C LEU A 344 -24.30 -6.01 -1.71
N LEU A 345 -24.42 -7.33 -1.69
CA LEU A 345 -23.56 -8.21 -2.47
C LEU A 345 -23.91 -8.24 -3.94
N GLU A 346 -25.19 -8.06 -4.26
CA GLU A 346 -25.62 -8.04 -5.66
C GLU A 346 -25.10 -6.76 -6.32
N GLU A 347 -25.24 -5.65 -5.62
CA GLU A 347 -24.77 -4.35 -6.13
C GLU A 347 -23.23 -4.34 -6.21
N ALA A 348 -22.56 -4.95 -5.24
CA ALA A 348 -21.11 -5.10 -5.32
C ALA A 348 -20.69 -5.82 -6.58
N LEU A 349 -21.36 -6.93 -6.90
CA LEU A 349 -20.99 -7.70 -8.04
C LEU A 349 -21.19 -6.89 -9.36
N PHE A 350 -22.25 -6.08 -9.42
CA PHE A 350 -22.49 -5.22 -10.56
C PHE A 350 -21.29 -4.28 -10.83
N TYR A 351 -20.87 -3.61 -9.77
CA TYR A 351 -19.73 -2.71 -9.91
C TYR A 351 -18.46 -3.47 -10.17
N GLY A 352 -18.26 -4.55 -9.43
CA GLY A 352 -17.02 -5.35 -9.57
C GLY A 352 -16.86 -5.93 -10.99
N THR A 353 -17.92 -6.51 -11.55
N THR A 353 -17.97 -6.42 -11.53
CA THR A 353 -17.77 -7.05 -12.90
CA THR A 353 -17.98 -7.00 -12.83
C THR A 353 -17.43 -5.94 -13.91
C THR A 353 -17.56 -5.99 -13.91
N ARG A 354 -18.00 -4.76 -13.72
CA ARG A 354 -17.68 -3.64 -14.65
C ARG A 354 -16.20 -3.29 -14.64
N THR A 355 -15.52 -3.55 -13.51
CA THR A 355 -14.10 -3.21 -13.45
C THR A 355 -13.19 -4.24 -14.11
N MET A 356 -13.71 -5.44 -14.42
CA MET A 356 -12.84 -6.51 -14.80
C MET A 356 -12.06 -6.23 -16.10
N GLU A 357 -12.74 -5.80 -17.17
CA GLU A 357 -12.00 -5.53 -18.39
C GLU A 357 -11.00 -4.33 -18.25
N PRO A 358 -11.43 -3.22 -17.63
CA PRO A 358 -10.44 -2.16 -17.41
C PRO A 358 -9.26 -2.66 -16.57
N TYR A 359 -9.50 -3.48 -15.55
CA TYR A 359 -8.36 -3.98 -14.76
C TYR A 359 -7.46 -4.89 -15.57
N ARG A 360 -8.03 -5.65 -16.50
CA ARG A 360 -7.19 -6.46 -17.36
C ARG A 360 -6.22 -5.59 -18.15
N ILE A 361 -6.74 -4.48 -18.65
CA ILE A 361 -5.93 -3.54 -19.46
C ILE A 361 -4.87 -2.81 -18.63
N PHE A 362 -5.26 -2.34 -17.43
CA PHE A 362 -4.41 -1.40 -16.74
C PHE A 362 -3.45 -2.08 -15.74
N PHE A 363 -3.62 -3.40 -15.49
CA PHE A 363 -2.73 -4.16 -14.59
C PHE A 363 -2.17 -5.30 -15.39
N PRO A 364 -1.39 -4.98 -16.43
CA PRO A 364 -0.81 -6.07 -17.27
C PRO A 364 0.06 -7.10 -16.50
N GLY A 365 0.11 -8.33 -17.01
CA GLY A 365 0.93 -9.35 -16.39
C GLY A 365 0.30 -9.84 -15.10
N SER A 366 1.13 -9.97 -14.05
CA SER A 366 0.69 -10.40 -12.74
C SER A 366 0.87 -9.27 -11.73
N HIS A 367 -0.25 -8.69 -11.31
CA HIS A 367 -0.23 -7.59 -10.37
C HIS A 367 -1.16 -7.97 -9.25
N PRO A 368 -0.70 -7.81 -8.00
CA PRO A 368 -1.55 -8.29 -6.91
C PRO A 368 -2.88 -7.60 -6.77
N VAL A 369 -2.99 -6.32 -7.20
CA VAL A 369 -4.24 -5.58 -7.09
C VAL A 369 -5.26 -6.23 -8.03
N ARG A 370 -4.82 -6.61 -9.23
CA ARG A 370 -5.77 -7.31 -10.13
C ARG A 370 -6.14 -8.69 -9.58
N GLY A 371 -5.15 -9.44 -9.10
CA GLY A 371 -5.44 -10.74 -8.46
C GLY A 371 -6.55 -10.62 -7.43
N VAL A 372 -6.39 -9.66 -6.49
CA VAL A 372 -7.35 -9.44 -5.42
C VAL A 372 -8.72 -9.03 -5.95
N GLN A 373 -8.76 -8.18 -7.01
CA GLN A 373 -10.04 -7.75 -7.54
C GLN A 373 -10.78 -8.93 -8.15
N VAL A 374 -10.06 -9.74 -8.90
CA VAL A 374 -10.68 -10.91 -9.58
C VAL A 374 -11.16 -11.88 -8.50
N MET A 375 -10.38 -12.06 -7.43
CA MET A 375 -10.84 -12.92 -6.31
C MET A 375 -12.12 -12.38 -5.68
N LYS A 376 -12.21 -11.07 -5.44
CA LYS A 376 -13.42 -10.47 -4.89
C LYS A 376 -14.64 -10.80 -5.76
N VAL A 377 -14.50 -10.61 -7.07
CA VAL A 377 -15.58 -10.86 -8.00
C VAL A 377 -15.94 -12.35 -8.00
N GLY A 378 -14.94 -13.22 -8.10
CA GLY A 378 -15.19 -14.69 -7.99
C GLY A 378 -16.00 -15.03 -6.74
N LYS A 379 -15.55 -14.52 -5.58
CA LYS A 379 -16.20 -14.81 -4.32
C LYS A 379 -17.65 -14.33 -4.33
N LEU A 380 -17.91 -13.14 -4.91
CA LEU A 380 -19.27 -12.63 -5.03
C LEU A 380 -20.08 -13.56 -5.94
N GLN A 381 -19.48 -14.08 -7.01
CA GLN A 381 -20.20 -14.99 -7.92
C GLN A 381 -20.44 -16.35 -7.28
N LEU A 382 -19.49 -16.80 -6.48
CA LEU A 382 -19.64 -18.10 -5.79
C LEU A 382 -20.85 -18.03 -4.86
N HIS A 383 -20.93 -16.92 -4.13
N HIS A 383 -20.99 -16.94 -4.11
CA HIS A 383 -21.98 -16.64 -3.14
CA HIS A 383 -22.04 -16.86 -3.12
C HIS A 383 -23.34 -16.75 -3.82
C HIS A 383 -23.35 -16.31 -3.70
N GLN A 384 -23.40 -16.20 -5.03
CA GLN A 384 -24.66 -16.06 -5.73
C GLN A 384 -25.02 -17.33 -6.50
N GLY A 385 -24.19 -18.35 -6.40
CA GLY A 385 -24.44 -19.60 -7.10
C GLY A 385 -24.09 -19.63 -8.57
N MET A 386 -23.22 -18.73 -9.01
CA MET A 386 -22.77 -18.73 -10.37
C MET A 386 -21.52 -19.54 -10.59
N PHE A 387 -21.62 -20.85 -10.53
CA PHE A 387 -20.40 -21.62 -10.36
C PHE A 387 -19.41 -21.60 -11.51
N PRO A 388 -19.89 -21.76 -12.75
CA PRO A 388 -18.88 -21.81 -13.80
C PRO A 388 -18.14 -20.48 -13.86
N GLN A 389 -18.87 -19.40 -13.64
CA GLN A 389 -18.29 -18.06 -13.81
C GLN A 389 -17.37 -17.76 -12.64
N ALA A 390 -17.81 -18.12 -11.44
CA ALA A 390 -16.95 -18.03 -10.24
C ALA A 390 -15.70 -18.87 -10.39
N MET A 391 -15.87 -20.11 -10.84
CA MET A 391 -14.71 -20.96 -11.00
C MET A 391 -13.71 -20.35 -11.96
N LYS A 392 -14.21 -19.76 -13.05
CA LYS A 392 -13.36 -19.14 -14.05
C LYS A 392 -12.53 -18.02 -13.35
N ASN A 393 -13.24 -17.17 -12.62
CA ASN A 393 -12.61 -16.02 -11.95
C ASN A 393 -11.72 -16.45 -10.78
N LEU A 394 -12.14 -17.46 -10.05
CA LEU A 394 -11.24 -17.97 -9.01
C LEU A 394 -9.97 -18.62 -9.54
N ARG A 395 -10.06 -19.35 -10.66
CA ARG A 395 -8.86 -19.86 -11.30
C ARG A 395 -7.94 -18.76 -11.78
N LEU A 396 -8.54 -17.72 -12.35
CA LEU A 396 -7.79 -16.59 -12.85
C LEU A 396 -7.11 -15.86 -11.68
N ALA A 397 -7.86 -15.64 -10.61
CA ALA A 397 -7.27 -15.03 -9.36
C ALA A 397 -6.12 -15.89 -8.90
N PHE A 398 -6.30 -17.21 -8.97
CA PHE A 398 -5.18 -18.06 -8.58
C PHE A 398 -3.99 -17.97 -9.52
N ASP A 399 -4.24 -17.93 -10.83
CA ASP A 399 -3.14 -17.84 -11.78
C ASP A 399 -2.29 -16.58 -11.50
N ILE A 400 -2.97 -15.50 -11.12
CA ILE A 400 -2.27 -14.25 -10.78
C ILE A 400 -1.62 -14.30 -9.40
N MET A 401 -2.39 -14.70 -8.39
CA MET A 401 -1.92 -14.68 -7.01
C MET A 401 -0.91 -15.75 -6.66
N ARG A 402 -0.88 -16.85 -7.40
CA ARG A 402 0.26 -17.77 -7.27
C ARG A 402 1.61 -17.12 -7.53
N VAL A 403 1.60 -16.10 -8.39
CA VAL A 403 2.78 -15.33 -8.71
C VAL A 403 2.96 -14.16 -7.73
N THR A 404 1.88 -13.45 -7.44
CA THR A 404 2.04 -12.18 -6.71
C THR A 404 2.02 -12.37 -5.21
N HIS A 405 1.32 -13.41 -4.74
CA HIS A 405 1.13 -13.63 -3.30
C HIS A 405 1.92 -14.84 -2.84
N GLY A 406 1.71 -15.97 -3.50
CA GLY A 406 2.47 -17.18 -3.21
C GLY A 406 2.00 -17.94 -1.99
N ARG A 407 2.60 -19.12 -1.81
CA ARG A 407 2.17 -19.97 -0.71
C ARG A 407 2.39 -19.39 0.70
N GLU A 408 3.37 -18.48 0.80
CA GLU A 408 3.71 -17.85 2.06
C GLU A 408 2.70 -16.80 2.50
N HIS A 409 1.78 -16.45 1.60
CA HIS A 409 0.74 -15.50 1.94
C HIS A 409 -0.56 -16.18 2.36
N SER A 410 -1.14 -15.79 3.49
CA SER A 410 -2.33 -16.48 3.98
C SER A 410 -3.54 -16.38 3.06
N LEU A 411 -3.63 -15.32 2.25
CA LEU A 411 -4.79 -15.18 1.34
C LEU A 411 -4.86 -16.30 0.33
N ILE A 412 -3.71 -16.86 -0.03
CA ILE A 412 -3.66 -17.95 -1.02
C ILE A 412 -4.33 -19.19 -0.44
N GLU A 413 -4.20 -19.38 0.85
CA GLU A 413 -4.96 -20.45 1.52
C GLU A 413 -6.47 -20.26 1.48
N ASP A 414 -6.91 -19.02 1.70
CA ASP A 414 -8.33 -18.64 1.55
C ASP A 414 -8.83 -18.91 0.16
N LEU A 415 -7.99 -18.63 -0.83
CA LEU A 415 -8.40 -18.77 -2.23
C LEU A 415 -8.49 -20.24 -2.58
N ILE A 416 -7.53 -21.02 -2.12
CA ILE A 416 -7.57 -22.48 -2.33
C ILE A 416 -8.86 -23.08 -1.78
N LEU A 417 -9.36 -22.55 -0.67
CA LEU A 417 -10.63 -23.02 -0.10
C LEU A 417 -11.85 -22.63 -0.95
N LEU A 418 -11.86 -21.42 -1.52
CA LEU A 418 -12.94 -21.08 -2.46
C LEU A 418 -12.88 -21.96 -3.72
N LEU A 419 -11.68 -22.27 -4.18
CA LEU A 419 -11.53 -23.09 -5.39
C LEU A 419 -12.10 -24.49 -5.16
N GLU A 420 -11.80 -25.05 -3.99
CA GLU A 420 -12.26 -26.39 -3.65
C GLU A 420 -13.78 -26.43 -3.48
N GLU A 421 -14.29 -25.43 -2.79
CA GLU A 421 -15.73 -25.30 -2.61
C GLU A 421 -16.42 -25.19 -3.98
N CYS A 422 -15.96 -24.26 -4.83
N CYS A 422 -15.93 -24.30 -4.84
CA CYS A 422 -16.57 -24.07 -6.16
CA CYS A 422 -16.61 -24.10 -6.11
C CYS A 422 -16.50 -25.34 -7.01
C CYS A 422 -16.48 -25.32 -7.04
N ASP A 423 -15.35 -26.02 -6.95
CA ASP A 423 -15.15 -27.25 -7.71
C ASP A 423 -16.13 -28.33 -7.25
N ALA A 424 -16.30 -28.44 -5.94
CA ALA A 424 -17.23 -29.44 -5.40
C ALA A 424 -18.67 -29.16 -5.88
N ASN A 425 -19.05 -27.88 -5.90
CA ASN A 425 -20.37 -27.50 -6.40
C ASN A 425 -20.57 -27.87 -7.87
N ILE A 426 -19.56 -27.62 -8.67
CA ILE A 426 -19.63 -27.94 -10.08
C ILE A 426 -19.73 -29.46 -10.23
N ARG A 427 -18.87 -30.19 -9.52
CA ARG A 427 -18.89 -31.68 -9.55
C ARG A 427 -20.23 -32.31 -9.16
N ALA A 428 -20.98 -31.65 -8.27
CA ALA A 428 -22.23 -32.18 -7.72
C ALA A 428 -23.47 -31.73 -8.51
ZN ZN B . -0.48 3.19 25.41
ZN ZN C . -4.22 -7.89 16.45
ZN ZN D . 8.11 5.75 -16.20
N SAM E . 18.32 4.29 -5.27
CA SAM E . 17.91 4.13 -3.82
C SAM E . 19.09 4.22 -2.88
O SAM E . 20.20 4.47 -3.39
OXT SAM E . 18.97 4.10 -1.66
CB SAM E . 17.01 2.93 -3.54
CG SAM E . 15.52 3.24 -3.91
SD SAM E . 14.84 4.47 -2.73
CE SAM E . 13.36 3.58 -2.17
C5' SAM E . 14.03 5.66 -3.84
C4' SAM E . 15.03 6.65 -4.42
O4' SAM E . 15.79 6.00 -5.42
C3' SAM E . 14.34 7.78 -5.19
O3' SAM E . 14.00 8.87 -4.34
C2' SAM E . 15.40 8.17 -6.20
O2' SAM E . 16.53 8.82 -5.57
C1' SAM E . 15.96 6.80 -6.60
N9 SAM E . 15.15 6.16 -7.70
C8 SAM E . 14.28 5.09 -7.60
N7 SAM E . 13.89 4.73 -8.82
C5 SAM E . 14.54 5.49 -9.74
C6 SAM E . 14.45 5.58 -11.12
N6 SAM E . 13.71 4.76 -11.87
N1 SAM E . 15.19 6.55 -11.73
C2 SAM E . 15.97 7.40 -11.03
N3 SAM E . 16.05 7.36 -9.66
C4 SAM E . 15.33 6.40 -9.05
C1 GOL F . 7.89 3.28 -1.81
O1 GOL F . 7.94 4.52 -1.14
C2 GOL F . 9.32 2.82 -1.92
O2 GOL F . 9.31 1.52 -2.50
C3 GOL F . 9.83 2.78 -0.48
O3 GOL F . 11.21 2.39 -0.43
C1 GOL G . 4.99 1.24 -2.53
O1 GOL G . 6.24 0.58 -2.73
C2 GOL G . 4.67 1.44 -1.05
O2 GOL G . 4.24 0.24 -0.44
C3 GOL G . 3.63 2.53 -0.84
O3 GOL G . 4.26 3.76 -0.50
C1 GOL H . -9.16 -2.16 -4.00
O1 GOL H . -9.02 -0.74 -4.21
C2 GOL H . -8.45 -2.92 -5.14
O2 GOL H . -8.92 -2.43 -6.40
C3 GOL H . -8.42 -4.49 -5.12
O3 GOL H . -9.70 -5.14 -4.89
C1 GOL I . 14.97 15.37 20.16
O1 GOL I . 13.58 15.28 19.94
C2 GOL I . 15.30 16.59 21.01
O2 GOL I . 14.26 17.55 20.92
C3 GOL I . 16.55 17.19 20.39
O3 GOL I . 16.20 17.41 19.05
C1 GOL J . 6.07 11.02 1.20
O1 GOL J . 5.87 9.96 2.13
C2 GOL J . 4.88 11.98 1.15
O2 GOL J . 5.15 13.11 1.95
C3 GOL J . 4.61 12.42 -0.30
O3 GOL J . 5.17 13.69 -0.61
C1 GOL K . 12.96 -3.18 22.68
O1 GOL K . 12.29 -3.90 23.72
C2 GOL K . 12.08 -2.80 21.47
O2 GOL K . 12.44 -3.69 20.42
C3 GOL K . 12.41 -1.38 20.96
O3 GOL K . 11.29 -0.53 20.68
C1 GOL L . 1.94 -0.50 -7.38
O1 GOL L . 1.15 -0.51 -8.56
C2 GOL L . 1.04 0.00 -6.27
O2 GOL L . -0.11 -0.85 -6.12
C3 GOL L . 1.81 0.18 -4.94
O3 GOL L . 2.42 -1.05 -4.58
C1 GOL M . -0.32 -3.27 -4.18
O1 GOL M . 0.31 -3.37 -5.42
C2 GOL M . 0.83 -2.83 -3.30
O2 GOL M . 0.49 -1.68 -2.57
C3 GOL M . 1.29 -3.97 -2.42
O3 GOL M . 0.77 -5.18 -2.91
#